data_7F6J
#
_entry.id   7F6J
#
_cell.length_a   84.226
_cell.length_b   84.226
_cell.length_c   154.622
_cell.angle_alpha   90.000
_cell.angle_beta   90.000
_cell.angle_gamma   120.000
#
_symmetry.space_group_name_H-M   'P 65'
#
loop_
_entity.id
_entity.type
_entity.pdbx_description
1 polymer 'Ras-related protein Rab-7a'
2 polymer 'PDZ domain-containing protein 8'
3 non-polymer 'MAGNESIUM ION'
4 non-polymer "GUANOSINE-5'-TRIPHOSPHATE"
5 water water
#
loop_
_entity_poly.entity_id
_entity_poly.type
_entity_poly.pdbx_seq_one_letter_code
_entity_poly.pdbx_strand_id
1 'polypeptide(L)'
;GSAMGSTSRKKVLLKVIILGDSGVGKTSLMNQYVNKKFSNQYKATIGADFLTKEVMVDDRLVTMQIWDTAGLERFQSLGV
AFYRGADCCVLVFDVTAPNTFKTLDSWRDEFLIQASPRDPENFPFVVLGNKIDLENRQVATKRAQAWCYSKNNIPYFETS
AKEAINVEQAFQTIARNALKQETEVELYNEFPEPIKLDKN
;
A,B
2 'polypeptide(L)'
;SAMGNSTGIKLVRKEGGLDDSVFIAVKEIGRDLYRGLPTEERIQKLEFMLDKLQNEIDQELEHNNSLVREEKETTDTRKK
SLLSAALAKSGERLQALTLLMIHYRAGIEDIETLESLSLDQHSKKISKYTDDT
;
C
#
# COMPACT_ATOMS: atom_id res chain seq x y z
N VAL A 12 18.52 -20.24 2.40
CA VAL A 12 17.37 -20.93 3.01
C VAL A 12 16.49 -19.91 3.73
N LEU A 13 15.42 -19.48 3.06
CA LEU A 13 14.50 -18.48 3.58
C LEU A 13 13.14 -19.13 3.89
N LEU A 14 12.60 -18.83 5.06
CA LEU A 14 11.33 -19.39 5.50
C LEU A 14 10.25 -18.33 5.46
N LYS A 15 9.17 -18.61 4.72
CA LYS A 15 8.06 -17.69 4.58
C LYS A 15 6.91 -18.14 5.48
N VAL A 16 6.62 -17.32 6.48
CA VAL A 16 5.57 -17.58 7.47
C VAL A 16 4.51 -16.51 7.32
N ILE A 17 3.23 -16.92 7.28
CA ILE A 17 2.15 -15.96 7.19
C ILE A 17 1.27 -16.10 8.42
N ILE A 18 0.75 -14.99 8.90
CA ILE A 18 -0.12 -14.98 10.08
C ILE A 18 -1.55 -14.64 9.64
N LEU A 19 -2.51 -15.48 10.04
CA LEU A 19 -3.90 -15.32 9.64
C LEU A 19 -4.79 -15.29 10.87
N GLY A 20 -5.95 -14.66 10.74
CA GLY A 20 -6.97 -14.67 11.77
C GLY A 20 -7.76 -13.38 11.78
N ASP A 21 -8.83 -13.38 12.58
CA ASP A 21 -9.76 -12.26 12.58
C ASP A 21 -9.08 -10.96 12.98
N SER A 22 -9.64 -9.86 12.54
CA SER A 22 -9.18 -8.55 12.96
C SER A 22 -9.30 -8.38 14.47
N GLY A 23 -8.27 -7.79 15.08
CA GLY A 23 -8.29 -7.50 16.50
C GLY A 23 -7.72 -8.58 17.40
N VAL A 24 -7.42 -9.77 16.87
CA VAL A 24 -6.98 -10.85 17.74
C VAL A 24 -5.55 -10.67 18.22
N GLY A 25 -4.73 -9.89 17.50
CA GLY A 25 -3.37 -9.61 17.96
C GLY A 25 -2.27 -10.11 17.03
N LYS A 26 -2.58 -10.31 15.75
CA LYS A 26 -1.57 -10.81 14.81
C LYS A 26 -0.38 -9.84 14.71
N THR A 27 -0.65 -8.56 14.53
CA THR A 27 0.44 -7.59 14.40
C THR A 27 1.20 -7.48 15.73
N SER A 28 0.48 -7.44 16.85
CA SER A 28 1.12 -7.36 18.16
C SER A 28 2.02 -8.56 18.42
N LEU A 29 1.60 -9.75 17.99
CA LEU A 29 2.45 -10.91 18.21
C LEU A 29 3.73 -10.81 17.38
N MET A 30 3.61 -10.40 16.12
CA MET A 30 4.79 -10.27 15.28
C MET A 30 5.73 -9.20 15.84
N ASN A 31 5.18 -8.06 16.26
CA ASN A 31 6.01 -6.97 16.77
C ASN A 31 6.64 -7.33 18.12
N GLN A 32 5.95 -8.14 18.94
CA GLN A 32 6.54 -8.54 20.22
C GLN A 32 7.68 -9.52 19.99
N TYR A 33 7.54 -10.41 19.00
CA TYR A 33 8.60 -11.38 18.76
C TYR A 33 9.84 -10.75 18.10
N VAL A 34 9.65 -9.84 17.14
CA VAL A 34 10.80 -9.33 16.37
C VAL A 34 11.40 -8.10 17.03
N ASN A 35 10.56 -7.14 17.39
CA ASN A 35 10.99 -5.87 17.96
C ASN A 35 10.99 -5.83 19.49
N LYS A 36 10.44 -6.86 20.17
CA LYS A 36 10.34 -6.93 21.64
C LYS A 36 9.51 -5.78 22.21
N LYS A 37 8.60 -5.23 21.41
CA LYS A 37 7.80 -4.11 21.83
C LYS A 37 6.33 -4.48 21.71
N PHE A 38 5.49 -3.75 22.45
CA PHE A 38 4.05 -3.92 22.40
C PHE A 38 3.42 -2.55 22.56
N SER A 39 2.35 -2.31 21.81
CA SER A 39 1.58 -1.08 21.94
C SER A 39 0.11 -1.40 22.20
N ASN A 40 -0.49 -0.61 23.10
CA ASN A 40 -1.91 -0.75 23.42
C ASN A 40 -2.80 -0.29 22.28
N GLN A 41 -2.36 0.70 21.49
CA GLN A 41 -3.30 1.31 20.56
C GLN A 41 -3.41 0.47 19.29
N TYR A 42 -4.59 0.50 18.70
CA TYR A 42 -4.93 -0.36 17.58
C TYR A 42 -4.68 0.39 16.27
N LYS A 43 -3.84 -0.17 15.41
CA LYS A 43 -3.68 0.34 14.05
C LYS A 43 -3.96 -0.81 13.09
N ALA A 44 -5.10 -0.72 12.40
CA ALA A 44 -5.55 -1.79 11.53
C ALA A 44 -4.52 -2.05 10.44
N THR A 45 -4.23 -3.33 10.22
CA THR A 45 -3.34 -3.71 9.14
C THR A 45 -4.10 -3.65 7.83
N ILE A 46 -3.52 -2.95 6.85
CA ILE A 46 -4.07 -2.80 5.52
C ILE A 46 -3.16 -3.56 4.56
N GLY A 47 -3.71 -4.56 3.87
CA GLY A 47 -2.90 -5.31 2.95
C GLY A 47 -2.02 -6.32 3.67
N ALA A 48 -0.73 -6.04 3.73
CA ALA A 48 0.22 -6.94 4.39
C ALA A 48 1.51 -6.17 4.62
N ASP A 49 2.41 -6.80 5.36
CA ASP A 49 3.79 -6.35 5.56
C ASP A 49 4.56 -7.58 6.00
N PHE A 50 5.88 -7.51 5.94
CA PHE A 50 6.66 -8.58 6.56
C PHE A 50 7.82 -7.96 7.33
N LEU A 51 8.22 -8.66 8.40
CA LEU A 51 9.50 -8.45 9.06
C LEU A 51 10.41 -9.65 8.85
N THR A 52 11.72 -9.42 8.93
CA THR A 52 12.71 -10.47 8.76
C THR A 52 13.40 -10.74 10.09
N LYS A 53 13.70 -12.00 10.37
CA LYS A 53 14.43 -12.32 11.58
C LYS A 53 15.29 -13.54 11.33
N GLU A 54 16.56 -13.46 11.71
CA GLU A 54 17.41 -14.64 11.78
C GLU A 54 17.01 -15.46 13.00
N VAL A 55 16.76 -16.74 12.80
CA VAL A 55 16.42 -17.62 13.91
C VAL A 55 17.32 -18.84 13.84
N MET A 56 17.68 -19.37 15.01
CA MET A 56 18.52 -20.54 15.07
C MET A 56 17.65 -21.79 15.16
N VAL A 57 17.79 -22.67 14.18
CA VAL A 57 17.18 -24.00 14.19
C VAL A 57 18.30 -25.04 14.09
N ASP A 58 18.43 -25.82 15.16
CA ASP A 58 19.35 -26.91 15.51
C ASP A 58 20.78 -26.53 15.90
N ASP A 59 21.47 -25.73 15.08
CA ASP A 59 22.55 -24.83 15.49
C ASP A 59 22.87 -23.98 14.28
N ARG A 60 21.89 -23.70 13.43
CA ARG A 60 22.15 -22.95 12.22
C ARG A 60 21.19 -21.78 12.15
N LEU A 61 21.66 -20.69 11.54
CA LEU A 61 20.84 -19.50 11.31
C LEU A 61 20.09 -19.67 10.00
N VAL A 62 18.77 -19.58 10.06
CA VAL A 62 17.93 -19.47 8.87
C VAL A 62 17.18 -18.15 8.96
N THR A 63 16.91 -17.56 7.79
CA THR A 63 16.24 -16.29 7.72
C THR A 63 14.73 -16.53 7.70
N MET A 64 14.00 -15.95 8.64
CA MET A 64 12.56 -16.11 8.69
C MET A 64 11.88 -14.81 8.27
N GLN A 65 11.01 -14.92 7.28
CA GLN A 65 10.24 -13.81 6.74
C GLN A 65 8.80 -13.95 7.25
N ILE A 66 8.40 -13.05 8.14
CA ILE A 66 7.13 -13.19 8.86
C ILE A 66 6.15 -12.20 8.28
N TRP A 67 5.13 -12.71 7.59
CA TRP A 67 4.15 -11.87 6.89
C TRP A 67 2.91 -11.67 7.76
N ASP A 68 2.67 -10.42 8.14
CA ASP A 68 1.47 -9.99 8.84
C ASP A 68 0.44 -9.63 7.76
N THR A 69 -0.84 -9.93 7.99
CA THR A 69 -1.86 -9.73 6.96
C THR A 69 -3.08 -9.07 7.58
N ALA A 70 -3.92 -8.51 6.72
CA ALA A 70 -5.13 -7.83 7.17
C ALA A 70 -6.19 -8.84 7.61
N GLY A 71 -6.64 -8.72 8.86
CA GLY A 71 -7.79 -9.51 9.28
C GLY A 71 -9.09 -9.07 8.63
N LEU A 72 -9.25 -7.76 8.37
CA LEU A 72 -10.47 -7.25 7.76
C LEU A 72 -10.50 -7.56 6.27
N GLU A 73 -11.62 -8.14 5.83
CA GLU A 73 -11.71 -8.67 4.47
C GLU A 73 -11.50 -7.58 3.43
N ARG A 74 -12.06 -6.40 3.65
CA ARG A 74 -11.99 -5.35 2.65
C ARG A 74 -10.58 -4.77 2.52
N PHE A 75 -9.67 -5.06 3.44
CA PHE A 75 -8.31 -4.55 3.38
C PHE A 75 -7.30 -5.58 2.89
N GLN A 76 -7.78 -6.76 2.48
CA GLN A 76 -6.88 -7.78 1.97
C GLN A 76 -6.53 -7.49 0.51
N SER A 77 -5.28 -7.75 0.16
CA SER A 77 -4.83 -7.45 -1.18
C SER A 77 -3.87 -8.49 -1.75
N LEU A 78 -3.49 -9.51 -0.98
CA LEU A 78 -2.53 -10.51 -1.44
C LEU A 78 -3.18 -11.45 -2.46
N GLY A 79 -2.42 -11.80 -3.50
CA GLY A 79 -2.92 -12.66 -4.55
C GLY A 79 -2.70 -14.14 -4.26
N VAL A 80 -3.20 -14.96 -5.17
CA VAL A 80 -3.12 -16.41 -4.98
C VAL A 80 -1.67 -16.86 -5.00
N ALA A 81 -0.85 -16.27 -5.88
CA ALA A 81 0.55 -16.67 -6.00
C ALA A 81 1.29 -16.50 -4.67
N PHE A 82 0.95 -15.47 -3.90
CA PHE A 82 1.59 -15.23 -2.61
C PHE A 82 1.38 -16.42 -1.67
N TYR A 83 0.14 -16.89 -1.53
CA TYR A 83 -0.11 -17.94 -0.57
C TYR A 83 0.51 -19.27 -1.00
N ARG A 84 0.78 -19.46 -2.29
CA ARG A 84 1.38 -20.72 -2.74
C ARG A 84 2.81 -20.85 -2.24
N GLY A 85 3.48 -19.77 -1.92
CA GLY A 85 4.84 -19.82 -1.40
C GLY A 85 4.98 -19.86 0.10
N ALA A 86 3.88 -19.90 0.85
CA ALA A 86 3.97 -19.94 2.30
C ALA A 86 4.52 -21.30 2.75
N ASP A 87 5.48 -21.28 3.68
CA ASP A 87 6.03 -22.52 4.25
C ASP A 87 5.31 -22.94 5.53
N CYS A 88 4.71 -22.01 6.23
CA CYS A 88 4.01 -22.29 7.48
C CYS A 88 2.97 -21.20 7.66
N CYS A 89 1.82 -21.57 8.20
CA CYS A 89 0.71 -20.64 8.40
C CYS A 89 0.32 -20.63 9.86
N VAL A 90 0.30 -19.45 10.46
CA VAL A 90 -0.01 -19.27 11.88
C VAL A 90 -1.45 -18.78 11.99
N LEU A 91 -2.28 -19.50 12.74
CA LEU A 91 -3.68 -19.16 12.94
C LEU A 91 -3.85 -18.55 14.31
N VAL A 92 -4.35 -17.31 14.37
CA VAL A 92 -4.49 -16.64 15.66
C VAL A 92 -5.96 -16.40 15.97
N PHE A 93 -6.32 -16.62 17.24
CA PHE A 93 -7.61 -16.19 17.76
C PHE A 93 -7.40 -15.57 19.13
N ASP A 94 -8.48 -15.00 19.65
CA ASP A 94 -8.54 -14.23 20.89
C ASP A 94 -9.34 -15.05 21.91
N VAL A 95 -8.70 -15.45 23.02
CA VAL A 95 -9.40 -16.31 23.97
C VAL A 95 -10.57 -15.63 24.65
N THR A 96 -10.71 -14.31 24.52
CA THR A 96 -11.86 -13.61 25.04
C THR A 96 -12.98 -13.46 24.02
N ALA A 97 -12.78 -13.93 22.78
CA ALA A 97 -13.68 -13.65 21.67
C ALA A 97 -14.00 -14.96 20.94
N PRO A 98 -15.05 -15.67 21.37
CA PRO A 98 -15.29 -17.03 20.81
C PRO A 98 -15.57 -17.05 19.32
N ASN A 99 -16.12 -15.96 18.75
CA ASN A 99 -16.31 -15.92 17.30
C ASN A 99 -14.99 -16.04 16.56
N THR A 100 -13.89 -15.51 17.12
CA THR A 100 -12.60 -15.63 16.45
C THR A 100 -12.06 -17.05 16.51
N PHE A 101 -12.46 -17.81 17.52
CA PHE A 101 -12.16 -19.24 17.51
C PHE A 101 -13.07 -19.98 16.53
N LYS A 102 -14.35 -19.59 16.47
CA LYS A 102 -15.30 -20.25 15.59
C LYS A 102 -14.82 -20.24 14.14
N THR A 103 -14.26 -19.11 13.69
CA THR A 103 -13.90 -18.92 12.30
C THR A 103 -12.58 -19.55 11.90
N LEU A 104 -11.86 -20.21 12.82
CA LEU A 104 -10.56 -20.76 12.48
C LEU A 104 -10.64 -21.73 11.31
N ASP A 105 -11.70 -22.54 11.26
CA ASP A 105 -11.89 -23.48 10.15
C ASP A 105 -11.86 -22.78 8.80
N SER A 106 -12.53 -21.64 8.70
CA SER A 106 -12.61 -21.00 7.39
C SER A 106 -11.28 -20.35 7.01
N TRP A 107 -10.54 -19.81 7.98
CA TRP A 107 -9.18 -19.35 7.66
C TRP A 107 -8.31 -20.49 7.14
N ARG A 108 -8.26 -21.60 7.88
CA ARG A 108 -7.44 -22.73 7.49
C ARG A 108 -7.85 -23.30 6.15
N ASP A 109 -9.16 -23.51 5.95
CA ASP A 109 -9.63 -24.12 4.70
C ASP A 109 -9.41 -23.21 3.51
N GLU A 110 -9.78 -21.92 3.63
CA GLU A 110 -9.58 -21.00 2.51
C GLU A 110 -8.10 -20.88 2.15
N PHE A 111 -7.22 -20.87 3.16
CA PHE A 111 -5.79 -20.87 2.86
C PHE A 111 -5.39 -22.10 2.06
N LEU A 112 -5.83 -23.28 2.52
CA LEU A 112 -5.48 -24.52 1.81
C LEU A 112 -5.97 -24.49 0.36
N ILE A 113 -7.17 -23.96 0.12
CA ILE A 113 -7.64 -23.86 -1.27
C ILE A 113 -6.69 -22.99 -2.08
N GLN A 114 -6.28 -21.84 -1.54
CA GLN A 114 -5.47 -20.92 -2.33
C GLN A 114 -4.02 -21.38 -2.41
N ALA A 115 -3.48 -21.94 -1.32
CA ALA A 115 -2.11 -22.42 -1.35
C ALA A 115 -1.97 -23.70 -2.15
N SER A 116 -3.02 -24.55 -2.13
CA SER A 116 -3.04 -25.87 -2.76
C SER A 116 -1.69 -26.58 -2.57
N PRO A 117 -1.32 -26.89 -1.34
CA PRO A 117 -0.10 -27.67 -1.11
C PRO A 117 -0.27 -29.07 -1.68
N ARG A 118 0.87 -29.74 -1.90
CA ARG A 118 0.82 -31.03 -2.57
C ARG A 118 0.19 -32.10 -1.67
N ASP A 119 0.46 -32.05 -0.37
CA ASP A 119 -0.24 -32.89 0.61
C ASP A 119 -0.92 -31.96 1.61
N PRO A 120 -2.13 -31.47 1.30
CA PRO A 120 -2.72 -30.40 2.12
C PRO A 120 -2.91 -30.78 3.56
N GLU A 121 -3.19 -32.05 3.87
CA GLU A 121 -3.57 -32.38 5.23
C GLU A 121 -2.39 -32.45 6.19
N ASN A 122 -1.15 -32.38 5.71
CA ASN A 122 0.01 -32.25 6.59
C ASN A 122 0.73 -30.91 6.40
N PHE A 123 0.03 -29.88 5.97
CA PHE A 123 0.68 -28.59 5.84
C PHE A 123 0.95 -28.00 7.22
N PRO A 124 2.07 -27.31 7.42
CA PRO A 124 2.40 -26.85 8.78
C PRO A 124 1.54 -25.68 9.24
N PHE A 125 0.68 -25.92 10.22
CA PHE A 125 -0.04 -24.87 10.90
C PHE A 125 0.42 -24.80 12.34
N VAL A 126 0.34 -23.61 12.91
CA VAL A 126 0.50 -23.42 14.35
C VAL A 126 -0.60 -22.48 14.79
N VAL A 127 -1.21 -22.77 15.94
CA VAL A 127 -2.37 -22.01 16.41
C VAL A 127 -1.99 -21.28 17.68
N LEU A 128 -2.23 -19.97 17.72
CA LEU A 128 -1.99 -19.17 18.92
C LEU A 128 -3.32 -18.70 19.49
N GLY A 129 -3.55 -18.99 20.78
CA GLY A 129 -4.66 -18.43 21.50
C GLY A 129 -4.17 -17.24 22.30
N ASN A 130 -4.51 -16.04 21.85
CA ASN A 130 -3.87 -14.84 22.36
C ASN A 130 -4.76 -14.12 23.38
N LYS A 131 -4.12 -13.21 24.09
CA LYS A 131 -4.71 -12.33 25.10
C LYS A 131 -5.05 -13.06 26.39
N ILE A 132 -4.30 -14.12 26.74
CA ILE A 132 -4.56 -14.81 28.00
C ILE A 132 -4.30 -13.96 29.23
N ASP A 133 -3.69 -12.79 29.06
CA ASP A 133 -3.54 -11.89 30.19
C ASP A 133 -4.85 -11.23 30.58
N LEU A 134 -5.88 -11.39 29.77
CA LEU A 134 -7.14 -10.73 30.06
C LEU A 134 -7.96 -11.60 31.00
N GLU A 135 -8.80 -10.96 31.81
CA GLU A 135 -9.69 -11.76 32.64
C GLU A 135 -10.92 -12.16 31.82
N ASN A 136 -11.63 -13.16 32.32
CA ASN A 136 -12.89 -13.63 31.70
C ASN A 136 -12.63 -14.17 30.29
N ARG A 137 -11.64 -15.04 30.18
CA ARG A 137 -11.46 -15.78 28.93
C ARG A 137 -12.68 -16.64 28.67
N GLN A 138 -13.08 -16.74 27.40
CA GLN A 138 -14.33 -17.41 27.05
C GLN A 138 -14.16 -18.64 26.17
N VAL A 139 -12.93 -18.96 25.76
CA VAL A 139 -12.60 -20.22 25.13
C VAL A 139 -11.63 -20.92 26.06
N ALA A 140 -11.90 -22.19 26.36
CA ALA A 140 -11.08 -22.89 27.34
C ALA A 140 -9.94 -23.60 26.64
N THR A 141 -8.85 -23.77 27.39
CA THR A 141 -7.63 -24.38 26.84
C THR A 141 -7.91 -25.76 26.26
N LYS A 142 -8.65 -26.60 27.00
CA LYS A 142 -8.94 -27.94 26.48
C LYS A 142 -9.78 -27.89 25.21
N ARG A 143 -10.71 -26.93 25.12
CA ARG A 143 -11.55 -26.83 23.92
C ARG A 143 -10.72 -26.51 22.69
N ALA A 144 -9.82 -25.52 22.80
CA ALA A 144 -8.93 -25.22 21.69
C ALA A 144 -8.00 -26.40 21.40
N GLN A 145 -7.53 -27.07 22.45
CA GLN A 145 -6.65 -28.22 22.27
C GLN A 145 -7.36 -29.32 21.52
N ALA A 146 -8.62 -29.59 21.90
CA ALA A 146 -9.43 -30.56 21.16
C ALA A 146 -9.51 -30.24 19.67
N TRP A 147 -9.76 -28.97 19.34
CA TRP A 147 -9.83 -28.60 17.93
C TRP A 147 -8.49 -28.85 17.24
N CYS A 148 -7.40 -28.37 17.84
CA CYS A 148 -6.09 -28.55 17.23
C CYS A 148 -5.79 -30.02 17.04
N TYR A 149 -6.10 -30.85 18.05
CA TYR A 149 -5.87 -32.29 17.91
C TYR A 149 -6.64 -32.83 16.71
N SER A 150 -7.92 -32.47 16.59
CA SER A 150 -8.73 -33.02 15.51
C SER A 150 -8.19 -32.65 14.14
N LYS A 151 -7.42 -31.56 14.02
CA LYS A 151 -6.89 -31.11 12.72
C LYS A 151 -5.45 -31.57 12.51
N ASN A 152 -5.25 -32.90 12.50
CA ASN A 152 -3.91 -33.49 12.38
C ASN A 152 -2.94 -32.99 13.44
N ASN A 153 -3.45 -32.78 14.65
CA ASN A 153 -2.63 -32.58 15.84
C ASN A 153 -1.62 -31.43 15.64
N ILE A 154 -2.15 -30.24 15.34
CA ILE A 154 -1.27 -29.12 15.05
C ILE A 154 -0.94 -28.42 16.36
N PRO A 155 0.28 -27.88 16.50
CA PRO A 155 0.68 -27.30 17.79
C PRO A 155 -0.17 -26.11 18.20
N TYR A 156 -0.31 -25.94 19.49
CA TYR A 156 -1.21 -24.95 20.07
C TYR A 156 -0.48 -24.26 21.20
N PHE A 157 -0.37 -22.93 21.12
CA PHE A 157 0.22 -22.14 22.20
C PHE A 157 -0.79 -21.12 22.67
N GLU A 158 -0.86 -20.92 23.98
CA GLU A 158 -1.59 -19.81 24.57
C GLU A 158 -0.60 -18.69 24.83
N THR A 159 -0.90 -17.49 24.31
CA THR A 159 0.09 -16.40 24.28
C THR A 159 -0.53 -15.13 24.84
N SER A 160 0.35 -14.23 25.27
CA SER A 160 0.00 -12.84 25.49
C SER A 160 1.05 -11.97 24.80
N ALA A 161 0.65 -11.28 23.73
CA ALA A 161 1.53 -10.26 23.17
C ALA A 161 1.75 -9.11 24.16
N LYS A 162 0.73 -8.78 24.97
CA LYS A 162 0.88 -7.64 25.87
C LYS A 162 1.95 -7.91 26.93
N GLU A 163 2.03 -9.14 27.43
CA GLU A 163 2.96 -9.51 28.50
C GLU A 163 4.05 -10.46 28.01
N ALA A 164 4.16 -10.69 26.71
CA ALA A 164 5.20 -11.53 26.13
C ALA A 164 5.22 -12.91 26.76
N ILE A 165 4.04 -13.49 26.94
CA ILE A 165 3.94 -14.87 27.42
C ILE A 165 3.92 -15.81 26.22
N ASN A 166 4.87 -16.76 26.20
CA ASN A 166 4.98 -17.83 25.20
C ASN A 166 5.30 -17.33 23.79
N VAL A 167 5.55 -16.03 23.61
CA VAL A 167 5.81 -15.53 22.25
C VAL A 167 7.06 -16.18 21.67
N GLU A 168 8.16 -16.10 22.41
CA GLU A 168 9.41 -16.70 21.95
C GLU A 168 9.24 -18.19 21.73
N GLN A 169 8.57 -18.88 22.65
CA GLN A 169 8.39 -20.32 22.49
C GLN A 169 7.54 -20.63 21.26
N ALA A 170 6.46 -19.88 21.05
CA ALA A 170 5.61 -20.14 19.88
C ALA A 170 6.41 -20.01 18.58
N PHE A 171 7.14 -18.90 18.41
CA PHE A 171 7.80 -18.68 17.12
C PHE A 171 8.95 -19.65 16.90
N GLN A 172 9.58 -20.15 17.97
CA GLN A 172 10.58 -21.20 17.80
C GLN A 172 9.95 -22.45 17.19
N THR A 173 8.74 -22.80 17.61
CA THR A 173 8.06 -23.91 16.96
C THR A 173 7.64 -23.55 15.54
N ILE A 174 7.16 -22.32 15.33
CA ILE A 174 6.82 -21.91 13.97
C ILE A 174 8.01 -22.09 13.03
N ALA A 175 9.20 -21.71 13.49
CA ALA A 175 10.38 -21.82 12.63
C ALA A 175 10.71 -23.28 12.32
N ARG A 176 10.67 -24.16 13.33
CA ARG A 176 10.84 -25.58 13.08
C ARG A 176 9.80 -26.10 12.08
N ASN A 177 8.54 -25.71 12.26
CA ASN A 177 7.52 -26.20 11.32
C ASN A 177 7.75 -25.67 9.91
N ALA A 178 8.17 -24.42 9.77
CA ALA A 178 8.42 -23.87 8.43
C ALA A 178 9.55 -24.61 7.71
N LEU A 179 10.50 -25.18 8.47
CA LEU A 179 11.62 -25.87 7.84
C LEU A 179 11.21 -27.24 7.30
N LYS A 180 10.26 -27.90 7.97
CA LYS A 180 9.61 -29.09 7.45
C LYS A 180 9.29 -28.94 5.95
N GLN A 181 8.49 -27.93 5.61
CA GLN A 181 8.17 -27.63 4.20
C GLN A 181 9.44 -27.41 3.38
N GLU A 182 10.32 -26.54 3.87
CA GLU A 182 11.51 -26.13 3.13
C GLU A 182 12.67 -27.14 3.31
N LYS B 11 -16.86 16.04 1.19
CA LYS B 11 -15.67 16.65 0.60
C LYS B 11 -14.91 15.63 -0.26
N VAL B 12 -15.16 15.67 -1.58
CA VAL B 12 -14.58 14.71 -2.51
C VAL B 12 -13.05 14.83 -2.53
N LEU B 13 -12.37 13.68 -2.48
CA LEU B 13 -10.93 13.62 -2.61
C LEU B 13 -10.56 13.10 -3.99
N LEU B 14 -9.69 13.83 -4.68
CA LEU B 14 -9.26 13.51 -6.03
C LEU B 14 -7.76 13.20 -5.97
N LYS B 15 -7.37 12.00 -6.39
CA LYS B 15 -5.98 11.58 -6.37
C LYS B 15 -5.40 11.67 -7.76
N VAL B 16 -4.33 12.46 -7.91
CA VAL B 16 -3.71 12.76 -9.20
C VAL B 16 -2.28 12.24 -9.19
N ILE B 17 -1.94 11.43 -10.20
CA ILE B 17 -0.60 10.91 -10.41
C ILE B 17 0.09 11.77 -11.48
N ILE B 18 1.31 12.24 -11.20
CA ILE B 18 2.10 12.93 -12.22
C ILE B 18 3.23 12.02 -12.66
N LEU B 19 3.34 11.80 -13.97
CA LEU B 19 4.29 10.89 -14.58
C LEU B 19 5.09 11.63 -15.65
N GLY B 20 6.25 11.07 -15.97
CA GLY B 20 7.08 11.52 -17.08
C GLY B 20 8.55 11.34 -16.75
N ASP B 21 9.41 11.56 -17.74
CA ASP B 21 10.84 11.30 -17.58
C ASP B 21 11.46 12.21 -16.51
N SER B 22 12.53 11.70 -15.90
CA SER B 22 13.34 12.50 -14.99
C SER B 22 13.75 13.81 -15.66
N GLY B 23 13.58 14.91 -14.92
CA GLY B 23 14.04 16.21 -15.37
C GLY B 23 13.04 17.05 -16.13
N VAL B 24 11.83 16.56 -16.40
CA VAL B 24 10.93 17.38 -17.20
C VAL B 24 10.28 18.50 -16.39
N GLY B 25 10.22 18.38 -15.06
CA GLY B 25 9.66 19.42 -14.21
C GLY B 25 8.45 18.99 -13.42
N LYS B 26 8.30 17.68 -13.19
CA LYS B 26 7.16 17.16 -12.44
C LYS B 26 7.10 17.78 -11.05
N THR B 27 8.16 17.62 -10.26
CA THR B 27 8.20 18.17 -8.91
C THR B 27 7.98 19.68 -8.92
N SER B 28 8.57 20.38 -9.88
CA SER B 28 8.43 21.84 -9.96
C SER B 28 7.02 22.27 -10.32
N LEU B 29 6.32 21.49 -11.15
CA LEU B 29 4.95 21.86 -11.48
C LEU B 29 4.04 21.69 -10.26
N MET B 30 4.21 20.59 -9.52
CA MET B 30 3.50 20.37 -8.26
C MET B 30 3.78 21.47 -7.25
N ASN B 31 5.07 21.76 -7.01
CA ASN B 31 5.42 22.77 -6.00
C ASN B 31 4.89 24.13 -6.39
N GLN B 32 4.92 24.46 -7.68
CA GLN B 32 4.45 25.76 -8.13
C GLN B 32 2.93 25.86 -8.02
N TYR B 33 2.20 24.77 -8.31
CA TYR B 33 0.76 24.85 -8.16
C TYR B 33 0.35 24.90 -6.68
N VAL B 34 0.97 24.06 -5.85
CA VAL B 34 0.53 23.94 -4.46
C VAL B 34 1.15 25.02 -3.60
N ASN B 35 2.46 25.22 -3.73
CA ASN B 35 3.15 26.13 -2.84
C ASN B 35 3.39 27.52 -3.43
N LYS B 36 3.15 27.73 -4.72
CA LYS B 36 3.36 29.02 -5.39
C LYS B 36 4.84 29.43 -5.39
N LYS B 37 5.72 28.45 -5.19
CA LYS B 37 7.16 28.63 -5.15
C LYS B 37 7.79 27.88 -6.32
N PHE B 38 8.90 28.42 -6.82
CA PHE B 38 9.71 27.71 -7.80
C PHE B 38 11.17 27.77 -7.39
N SER B 39 11.84 26.63 -7.55
CA SER B 39 13.27 26.52 -7.35
C SER B 39 13.95 26.51 -8.72
N ASN B 40 14.87 27.46 -8.94
CA ASN B 40 15.74 27.37 -10.12
C ASN B 40 16.71 26.21 -9.99
N GLN B 41 17.17 25.96 -8.77
CA GLN B 41 18.04 24.82 -8.47
C GLN B 41 17.38 23.51 -8.87
N TYR B 42 18.16 22.63 -9.49
CA TYR B 42 17.71 21.27 -9.83
C TYR B 42 17.79 20.39 -8.59
N LYS B 43 16.63 20.13 -7.97
CA LYS B 43 16.50 19.21 -6.85
C LYS B 43 15.77 17.96 -7.37
N ALA B 44 16.53 16.94 -7.74
CA ALA B 44 15.93 15.72 -8.28
C ALA B 44 15.10 15.00 -7.22
N THR B 45 14.04 14.34 -7.66
CA THR B 45 13.12 13.68 -6.74
C THR B 45 13.78 12.41 -6.21
N ILE B 46 14.32 12.51 -5.01
CA ILE B 46 14.43 11.36 -4.11
C ILE B 46 13.18 11.38 -3.25
N GLY B 47 12.45 10.27 -3.26
CA GLY B 47 11.33 10.12 -2.37
C GLY B 47 9.97 10.43 -2.95
N ALA B 48 9.20 9.38 -3.21
CA ALA B 48 7.78 9.56 -3.49
C ALA B 48 7.15 10.40 -2.39
N ASP B 49 6.20 11.24 -2.79
CA ASP B 49 5.53 12.14 -1.88
C ASP B 49 4.26 12.60 -2.59
N PHE B 50 3.37 13.18 -1.83
CA PHE B 50 2.19 13.83 -2.39
C PHE B 50 1.93 15.10 -1.62
N LEU B 51 1.36 16.09 -2.31
CA LEU B 51 0.91 17.32 -1.69
C LEU B 51 -0.61 17.41 -1.82
N THR B 52 -1.23 18.19 -0.93
CA THR B 52 -2.69 18.31 -0.87
C THR B 52 -3.08 19.77 -0.98
N LYS B 53 -4.16 20.05 -1.73
CA LYS B 53 -4.62 21.42 -1.89
C LYS B 53 -6.13 21.43 -2.09
N GLU B 54 -6.82 22.34 -1.40
CA GLU B 54 -8.25 22.51 -1.61
C GLU B 54 -8.47 23.36 -2.86
N VAL B 55 -9.38 22.92 -3.72
CA VAL B 55 -9.64 23.63 -4.97
C VAL B 55 -11.15 23.66 -5.18
N MET B 56 -11.61 24.73 -5.81
CA MET B 56 -13.03 24.91 -6.11
C MET B 56 -13.27 24.55 -7.56
N VAL B 57 -14.12 23.55 -7.79
CA VAL B 57 -14.42 23.10 -9.15
C VAL B 57 -15.86 23.45 -9.47
N ASP B 58 -16.03 24.63 -10.05
CA ASP B 58 -17.25 25.25 -10.57
C ASP B 58 -18.24 25.67 -9.49
N ASP B 59 -18.39 24.90 -8.42
CA ASP B 59 -18.96 25.43 -7.19
C ASP B 59 -18.55 24.55 -6.03
N ARG B 60 -18.18 23.31 -6.36
CA ARG B 60 -17.83 22.31 -5.35
C ARG B 60 -16.41 22.58 -4.87
N LEU B 61 -16.21 22.51 -3.55
CA LEU B 61 -14.86 22.51 -3.02
C LEU B 61 -14.45 21.06 -2.86
N VAL B 62 -13.29 20.72 -3.42
CA VAL B 62 -12.77 19.35 -3.43
C VAL B 62 -11.32 19.40 -2.96
N THR B 63 -10.83 18.25 -2.53
CA THR B 63 -9.45 18.11 -2.06
C THR B 63 -8.68 17.38 -3.15
N MET B 64 -7.59 17.97 -3.61
CA MET B 64 -6.75 17.34 -4.62
C MET B 64 -5.46 16.86 -3.96
N GLN B 65 -5.14 15.58 -4.13
CA GLN B 65 -3.87 15.01 -3.70
C GLN B 65 -3.03 14.80 -4.95
N ILE B 66 -1.84 15.40 -4.98
CA ILE B 66 -0.99 15.34 -6.17
C ILE B 66 0.21 14.48 -5.81
N TRP B 67 0.32 13.32 -6.43
CA TRP B 67 1.37 12.34 -6.14
C TRP B 67 2.53 12.50 -7.12
N ASP B 68 3.74 12.57 -6.55
CA ASP B 68 5.00 12.73 -7.26
C ASP B 68 5.79 11.49 -6.90
N THR B 69 5.62 10.41 -7.68
CA THR B 69 6.21 9.13 -7.33
C THR B 69 7.51 8.82 -8.06
N ALA B 70 7.77 9.43 -9.22
CA ALA B 70 8.88 8.97 -10.04
C ALA B 70 10.18 9.63 -9.60
N GLY B 71 11.27 8.86 -9.65
CA GLY B 71 12.59 9.35 -9.27
C GLY B 71 13.64 9.30 -10.38
N LEU B 72 14.84 8.80 -10.05
CA LEU B 72 15.97 8.93 -10.98
C LEU B 72 15.80 8.02 -12.19
N GLU B 73 15.53 6.73 -11.97
CA GLU B 73 15.43 5.79 -13.08
C GLU B 73 14.22 4.89 -12.86
N ARG B 74 13.66 4.43 -13.98
CA ARG B 74 12.35 3.78 -13.99
C ARG B 74 12.32 2.41 -13.33
N PHE B 75 13.47 1.88 -12.87
CA PHE B 75 13.54 0.48 -12.42
C PHE B 75 12.40 0.14 -11.50
N GLN B 76 11.81 1.15 -10.86
CA GLN B 76 10.81 0.95 -9.84
C GLN B 76 9.52 0.43 -10.46
N SER B 77 9.10 -0.76 -10.02
CA SER B 77 7.74 -1.20 -10.21
C SER B 77 6.79 -0.52 -9.24
N LEU B 78 7.25 0.54 -8.58
CA LEU B 78 6.49 1.14 -7.49
C LEU B 78 5.16 1.73 -7.95
N GLY B 79 4.92 1.83 -9.25
CA GLY B 79 3.58 2.18 -9.70
C GLY B 79 2.54 1.16 -9.29
N VAL B 80 2.93 -0.11 -9.22
CA VAL B 80 2.01 -1.14 -8.74
C VAL B 80 1.56 -0.81 -7.32
N ALA B 81 2.47 -0.26 -6.51
CA ALA B 81 2.14 0.09 -5.14
C ALA B 81 1.37 1.40 -5.07
N PHE B 82 1.74 2.40 -5.86
CA PHE B 82 1.31 3.76 -5.56
C PHE B 82 0.22 4.32 -6.46
N TYR B 83 0.00 3.76 -7.66
CA TYR B 83 -0.96 4.40 -8.56
C TYR B 83 -2.40 4.10 -8.19
N ARG B 84 -2.66 3.02 -7.46
CA ARG B 84 -4.03 2.57 -7.26
C ARG B 84 -4.89 3.63 -6.57
N GLY B 85 -6.12 3.77 -7.04
CA GLY B 85 -7.04 4.74 -6.51
C GLY B 85 -7.03 6.08 -7.23
N ALA B 86 -6.12 6.28 -8.17
CA ALA B 86 -6.02 7.54 -8.89
C ALA B 86 -7.30 7.87 -9.66
N ASP B 87 -7.61 9.16 -9.75
CA ASP B 87 -8.70 9.65 -10.57
C ASP B 87 -8.24 10.31 -11.85
N CYS B 88 -6.97 10.69 -11.93
CA CYS B 88 -6.45 11.36 -13.10
C CYS B 88 -4.95 11.12 -13.17
N CYS B 89 -4.40 11.12 -14.39
CA CYS B 89 -2.96 10.97 -14.57
C CYS B 89 -2.46 12.10 -15.44
N VAL B 90 -1.47 12.83 -14.96
CA VAL B 90 -0.87 13.95 -15.68
C VAL B 90 0.43 13.45 -16.31
N LEU B 91 0.56 13.60 -17.64
CA LEU B 91 1.75 13.22 -18.38
C LEU B 91 2.53 14.48 -18.72
N VAL B 92 3.79 14.54 -18.29
CA VAL B 92 4.62 15.73 -18.45
C VAL B 92 5.82 15.40 -19.32
N PHE B 93 6.09 16.27 -20.29
CA PHE B 93 7.33 16.23 -21.05
C PHE B 93 7.94 17.63 -21.10
N ASP B 94 9.21 17.66 -21.49
CA ASP B 94 9.99 18.88 -21.62
C ASP B 94 10.00 19.25 -23.10
N VAL B 95 9.41 20.40 -23.45
CA VAL B 95 9.30 20.77 -24.86
C VAL B 95 10.66 21.00 -25.51
N THR B 96 11.74 21.10 -24.72
CA THR B 96 13.08 21.27 -25.25
C THR B 96 13.83 19.95 -25.41
N ALA B 97 13.22 18.82 -25.06
CA ALA B 97 13.88 17.51 -25.10
C ALA B 97 12.96 16.50 -25.77
N PRO B 98 13.03 16.37 -27.11
CA PRO B 98 12.05 15.54 -27.82
C PRO B 98 12.03 14.10 -27.34
N ASN B 99 13.12 13.58 -26.78
CA ASN B 99 13.05 12.23 -26.28
C ASN B 99 12.09 12.09 -25.11
N THR B 100 11.86 13.17 -24.32
CA THR B 100 10.89 13.05 -23.22
C THR B 100 9.47 12.98 -23.76
N PHE B 101 9.23 13.57 -24.93
CA PHE B 101 7.94 13.42 -25.58
C PHE B 101 7.77 12.02 -26.18
N LYS B 102 8.88 11.42 -26.64
CA LYS B 102 8.83 10.12 -27.31
C LYS B 102 8.37 9.03 -26.36
N THR B 103 8.66 9.15 -25.07
CA THR B 103 8.32 8.15 -24.07
C THR B 103 6.90 8.28 -23.52
N LEU B 104 6.10 9.24 -23.98
CA LEU B 104 4.77 9.44 -23.38
C LEU B 104 3.92 8.18 -23.48
N ASP B 105 3.94 7.50 -24.63
CA ASP B 105 3.19 6.25 -24.77
C ASP B 105 3.52 5.27 -23.66
N SER B 106 4.79 5.14 -23.32
CA SER B 106 5.16 4.13 -22.34
C SER B 106 4.70 4.53 -20.94
N TRP B 107 4.71 5.82 -20.62
CA TRP B 107 4.18 6.28 -19.33
C TRP B 107 2.69 6.06 -19.24
N ARG B 108 1.95 6.45 -20.29
CA ARG B 108 0.50 6.24 -20.31
C ARG B 108 0.15 4.76 -20.23
N ASP B 109 0.86 3.90 -20.96
CA ASP B 109 0.57 2.46 -20.91
C ASP B 109 0.92 1.86 -19.54
N GLU B 110 2.09 2.22 -19.00
CA GLU B 110 2.48 1.87 -17.64
C GLU B 110 1.35 2.14 -16.63
N PHE B 111 0.83 3.36 -16.65
CA PHE B 111 -0.24 3.69 -15.72
C PHE B 111 -1.45 2.78 -15.96
N LEU B 112 -1.86 2.63 -17.23
CA LEU B 112 -3.05 1.83 -17.51
C LEU B 112 -2.85 0.37 -17.10
N ILE B 113 -1.63 -0.16 -17.21
CA ILE B 113 -1.42 -1.55 -16.83
C ILE B 113 -1.32 -1.67 -15.31
N GLN B 114 -0.66 -0.73 -14.66
CA GLN B 114 -0.35 -0.91 -13.24
C GLN B 114 -1.42 -0.34 -12.32
N ALA B 115 -2.26 0.58 -12.81
CA ALA B 115 -3.36 1.08 -12.00
C ALA B 115 -4.67 0.38 -12.30
N SER B 116 -4.83 -0.16 -13.50
CA SER B 116 -6.04 -0.86 -13.92
C SER B 116 -7.31 -0.05 -13.63
N PRO B 117 -7.48 1.11 -14.23
CA PRO B 117 -8.71 1.89 -13.99
C PRO B 117 -9.92 1.19 -14.58
N ARG B 118 -11.09 1.57 -14.06
CA ARG B 118 -12.32 0.83 -14.35
C ARG B 118 -12.73 0.97 -15.82
N ASP B 119 -12.55 2.14 -16.42
CA ASP B 119 -12.84 2.34 -17.83
C ASP B 119 -11.63 2.94 -18.52
N PRO B 120 -10.66 2.10 -18.92
CA PRO B 120 -9.38 2.62 -19.40
C PRO B 120 -9.48 3.64 -20.54
N GLU B 121 -10.44 3.49 -21.44
CA GLU B 121 -10.45 4.38 -22.60
C GLU B 121 -11.05 5.73 -22.31
N ASN B 122 -11.72 5.90 -21.17
CA ASN B 122 -12.25 7.19 -20.78
C ASN B 122 -11.53 7.80 -19.59
N PHE B 123 -10.47 7.16 -19.11
CA PHE B 123 -9.79 7.64 -17.92
C PHE B 123 -9.15 9.00 -18.20
N PRO B 124 -9.31 9.97 -17.31
CA PRO B 124 -8.78 11.32 -17.56
C PRO B 124 -7.27 11.35 -17.56
N PHE B 125 -6.67 11.71 -18.69
CA PHE B 125 -5.28 12.09 -18.78
C PHE B 125 -5.20 13.57 -19.14
N VAL B 126 -4.12 14.21 -18.72
CA VAL B 126 -3.80 15.57 -19.13
C VAL B 126 -2.32 15.60 -19.46
N VAL B 127 -1.97 16.28 -20.56
CA VAL B 127 -0.60 16.34 -21.04
C VAL B 127 -0.08 17.75 -20.87
N LEU B 128 1.07 17.89 -20.21
CA LEU B 128 1.70 19.18 -20.00
C LEU B 128 3.02 19.15 -20.73
N GLY B 129 3.20 20.09 -21.67
CA GLY B 129 4.50 20.32 -22.26
C GLY B 129 5.22 21.44 -21.51
N ASN B 130 6.22 21.08 -20.73
CA ASN B 130 6.76 22.03 -19.78
C ASN B 130 7.98 22.74 -20.34
N LYS B 131 8.43 23.87 -19.76
CA LYS B 131 9.66 24.65 -19.98
C LYS B 131 9.50 25.55 -21.18
N ILE B 132 8.33 26.13 -21.40
CA ILE B 132 8.22 27.04 -22.57
C ILE B 132 9.03 28.32 -22.33
N ASP B 133 9.36 28.64 -21.10
CA ASP B 133 10.11 29.91 -20.95
C ASP B 133 11.54 29.78 -21.49
N LEU B 134 12.05 28.54 -21.66
CA LEU B 134 13.43 28.31 -22.16
C LEU B 134 13.49 28.77 -23.63
N GLU B 135 12.34 29.13 -24.18
CA GLU B 135 12.25 29.76 -25.53
C GLU B 135 12.88 28.89 -26.61
N ASN B 136 13.01 27.60 -26.35
CA ASN B 136 13.60 26.58 -27.23
C ASN B 136 12.52 25.52 -27.34
N ARG B 137 11.93 25.44 -28.50
CA ARG B 137 10.81 24.51 -28.66
C ARG B 137 11.16 23.43 -29.70
N GLN B 138 11.62 22.27 -29.24
CA GLN B 138 11.95 21.16 -30.11
C GLN B 138 10.78 20.22 -30.38
N VAL B 139 9.69 20.35 -29.64
CA VAL B 139 8.44 19.66 -29.91
C VAL B 139 7.40 20.73 -30.23
N ALA B 140 6.87 20.69 -31.44
CA ALA B 140 5.92 21.71 -31.88
C ALA B 140 4.56 21.53 -31.23
N THR B 141 3.87 22.65 -31.02
CA THR B 141 2.55 22.65 -30.40
C THR B 141 1.58 21.77 -31.17
N LYS B 142 1.57 21.89 -32.50
CA LYS B 142 0.69 21.04 -33.30
C LYS B 142 1.05 19.57 -33.15
N ARG B 143 2.34 19.27 -32.96
CA ARG B 143 2.76 17.88 -32.85
C ARG B 143 2.19 17.23 -31.60
N ALA B 144 2.36 17.88 -30.44
CA ALA B 144 1.79 17.38 -29.19
C ALA B 144 0.27 17.28 -29.28
N GLN B 145 -0.38 18.27 -29.89
CA GLN B 145 -1.83 18.21 -30.00
C GLN B 145 -2.28 17.04 -30.86
N ALA B 146 -1.56 16.75 -31.94
CA ALA B 146 -1.91 15.57 -32.75
C ALA B 146 -1.80 14.29 -31.94
N TRP B 147 -0.70 14.11 -31.19
CA TRP B 147 -0.59 12.92 -30.36
C TRP B 147 -1.74 12.86 -29.37
N CYS B 148 -1.98 13.98 -28.68
CA CYS B 148 -3.07 14.04 -27.71
C CYS B 148 -4.41 13.70 -28.33
N TYR B 149 -4.70 14.30 -29.49
CA TYR B 149 -5.99 14.04 -30.13
C TYR B 149 -6.16 12.55 -30.38
N SER B 150 -5.10 11.88 -30.85
CA SER B 150 -5.20 10.47 -31.15
C SER B 150 -5.36 9.62 -29.90
N LYS B 151 -5.05 10.15 -28.72
CA LYS B 151 -5.18 9.37 -27.48
C LYS B 151 -6.50 9.69 -26.80
N ASN B 152 -7.59 9.49 -27.54
CA ASN B 152 -8.95 9.74 -27.07
C ASN B 152 -9.14 11.18 -26.67
N ASN B 153 -8.52 12.09 -27.41
CA ASN B 153 -8.77 13.52 -27.31
C ASN B 153 -8.55 14.05 -25.89
N ILE B 154 -7.30 13.94 -25.41
CA ILE B 154 -6.98 14.45 -24.08
C ILE B 154 -6.44 15.87 -24.21
N PRO B 155 -6.68 16.76 -23.23
CA PRO B 155 -6.22 18.14 -23.35
C PRO B 155 -4.72 18.25 -23.20
N TYR B 156 -4.17 19.25 -23.89
CA TYR B 156 -2.76 19.56 -23.88
C TYR B 156 -2.57 20.99 -23.37
N PHE B 157 -1.58 21.19 -22.50
CA PHE B 157 -1.20 22.53 -22.03
C PHE B 157 0.30 22.71 -22.15
N GLU B 158 0.72 23.85 -22.69
CA GLU B 158 2.12 24.22 -22.61
C GLU B 158 2.29 25.02 -21.33
N THR B 159 3.30 24.68 -20.54
CA THR B 159 3.42 25.26 -19.22
C THR B 159 4.85 25.69 -18.96
N SER B 160 4.98 26.57 -17.98
CA SER B 160 6.27 26.84 -17.35
C SER B 160 6.07 26.79 -15.84
N ALA B 161 6.68 25.80 -15.19
CA ALA B 161 6.72 25.85 -13.74
C ALA B 161 7.61 26.99 -13.25
N LYS B 162 8.55 27.46 -14.08
CA LYS B 162 9.51 28.46 -13.62
C LYS B 162 8.88 29.84 -13.58
N GLU B 163 8.07 30.15 -14.58
CA GLU B 163 7.40 31.44 -14.71
C GLU B 163 5.91 31.35 -14.35
N ALA B 164 5.45 30.18 -13.88
CA ALA B 164 4.04 29.95 -13.54
C ALA B 164 3.14 30.20 -14.75
N ILE B 165 3.63 29.84 -15.93
CA ILE B 165 2.83 29.98 -17.14
C ILE B 165 1.91 28.78 -17.27
N ASN B 166 0.60 29.03 -17.34
CA ASN B 166 -0.45 28.02 -17.51
C ASN B 166 -0.55 27.02 -16.35
N VAL B 167 0.13 27.25 -15.22
CA VAL B 167 0.11 26.25 -14.14
C VAL B 167 -1.27 26.20 -13.48
N GLU B 168 -1.76 27.33 -12.99
CA GLU B 168 -3.11 27.39 -12.45
C GLU B 168 -4.15 26.88 -13.45
N GLN B 169 -4.04 27.26 -14.72
CA GLN B 169 -5.01 26.81 -15.71
C GLN B 169 -4.97 25.28 -15.90
N ALA B 170 -3.77 24.72 -16.00
CA ALA B 170 -3.65 23.28 -16.21
C ALA B 170 -4.28 22.50 -15.07
N PHE B 171 -4.02 22.91 -13.83
CA PHE B 171 -4.52 22.12 -12.72
C PHE B 171 -5.99 22.33 -12.46
N GLN B 172 -6.54 23.46 -12.87
CA GLN B 172 -7.99 23.63 -12.82
C GLN B 172 -8.67 22.63 -13.75
N THR B 173 -8.15 22.46 -14.97
CA THR B 173 -8.70 21.43 -15.87
C THR B 173 -8.44 20.03 -15.33
N ILE B 174 -7.28 19.81 -14.71
CA ILE B 174 -7.01 18.50 -14.10
C ILE B 174 -8.08 18.18 -13.07
N ALA B 175 -8.37 19.13 -12.17
CA ALA B 175 -9.41 18.96 -11.16
C ALA B 175 -10.76 18.65 -11.79
N ARG B 176 -11.17 19.46 -12.79
CA ARG B 176 -12.49 19.27 -13.38
C ARG B 176 -12.63 17.88 -14.00
N ASN B 177 -11.63 17.47 -14.79
CA ASN B 177 -11.73 16.19 -15.48
C ASN B 177 -11.63 15.02 -14.51
N ALA B 178 -10.83 15.18 -13.44
CA ALA B 178 -10.78 14.16 -12.39
C ALA B 178 -12.14 14.02 -11.70
N LEU B 179 -12.82 15.14 -11.49
CA LEU B 179 -14.11 15.12 -10.84
C LEU B 179 -15.18 14.50 -11.74
N LYS B 180 -15.08 14.77 -13.05
CA LYS B 180 -16.15 14.47 -14.00
C LYS B 180 -16.46 12.97 -14.05
N GLN B 181 -15.44 12.12 -13.98
CA GLN B 181 -15.63 10.67 -14.06
C GLN B 181 -15.66 10.10 -12.64
N GLU B 182 -16.80 10.28 -11.97
CA GLU B 182 -16.93 9.75 -10.61
C GLU B 182 -18.39 9.50 -10.23
N THR B 183 -18.62 8.40 -9.51
CA THR B 183 -19.93 7.86 -9.13
C THR B 183 -21.12 8.43 -9.89
N ILE C 9 -14.09 -14.27 10.14
CA ILE C 9 -14.22 -13.82 8.76
C ILE C 9 -13.33 -14.71 7.87
N LYS C 10 -13.04 -14.30 6.64
CA LYS C 10 -12.51 -15.20 5.63
C LYS C 10 -11.27 -14.63 4.94
N LEU C 11 -10.66 -15.47 4.11
CA LEU C 11 -9.52 -15.12 3.29
C LEU C 11 -10.00 -14.86 1.87
N VAL C 12 -10.10 -13.57 1.49
CA VAL C 12 -10.50 -13.18 0.15
C VAL C 12 -9.53 -13.75 -0.88
N ARG C 13 -10.08 -14.36 -1.94
CA ARG C 13 -9.28 -14.77 -3.09
C ARG C 13 -9.22 -13.65 -4.13
N LYS C 14 -8.02 -13.23 -4.48
CA LYS C 14 -7.82 -12.15 -5.45
C LYS C 14 -6.82 -12.62 -6.49
N GLU C 15 -7.31 -12.95 -7.69
CA GLU C 15 -6.49 -13.65 -8.68
C GLU C 15 -5.28 -12.83 -9.10
N GLY C 16 -5.44 -11.52 -9.24
CA GLY C 16 -4.29 -10.67 -9.53
C GLY C 16 -3.89 -9.77 -8.38
N GLY C 17 -3.97 -10.28 -7.15
CA GLY C 17 -3.57 -9.53 -5.99
C GLY C 17 -2.06 -9.33 -5.94
N LEU C 18 -1.62 -8.63 -4.90
CA LEU C 18 -0.20 -8.30 -4.76
C LEU C 18 0.63 -9.55 -4.53
N ASP C 19 1.87 -9.50 -5.00
CA ASP C 19 2.85 -10.57 -4.85
C ASP C 19 4.00 -10.12 -3.95
N ASP C 20 4.83 -11.08 -3.54
CA ASP C 20 6.03 -10.80 -2.74
C ASP C 20 6.80 -9.60 -3.28
N SER C 21 7.00 -9.58 -4.61
CA SER C 21 7.97 -8.68 -5.22
C SER C 21 7.65 -7.22 -4.95
N VAL C 22 6.37 -6.85 -4.82
CA VAL C 22 6.03 -5.44 -4.57
C VAL C 22 6.55 -5.00 -3.20
N PHE C 23 6.31 -5.81 -2.17
CA PHE C 23 6.77 -5.42 -0.84
C PHE C 23 8.29 -5.39 -0.75
N ILE C 24 8.95 -6.38 -1.34
CA ILE C 24 10.41 -6.40 -1.37
C ILE C 24 10.95 -5.16 -2.06
N ALA C 25 10.32 -4.76 -3.19
CA ALA C 25 10.83 -3.60 -3.92
C ALA C 25 10.65 -2.30 -3.13
N VAL C 26 9.50 -2.09 -2.50
CA VAL C 26 9.34 -0.81 -1.81
C VAL C 26 10.32 -0.72 -0.65
N LYS C 27 10.67 -1.86 -0.04
CA LYS C 27 11.65 -1.83 1.05
C LYS C 27 13.07 -1.63 0.52
N GLU C 28 13.42 -2.31 -0.58
CA GLU C 28 14.77 -2.18 -1.12
C GLU C 28 15.05 -0.74 -1.54
N ILE C 29 14.12 -0.11 -2.25
CA ILE C 29 14.29 1.28 -2.62
C ILE C 29 14.19 2.19 -1.40
N GLY C 30 13.27 1.89 -0.49
CA GLY C 30 13.08 2.78 0.65
C GLY C 30 14.29 2.85 1.55
N ARG C 31 15.08 1.78 1.58
CA ARG C 31 16.30 1.74 2.39
C ARG C 31 17.23 2.90 2.07
N ASP C 32 17.28 3.34 0.80
CA ASP C 32 18.17 4.42 0.40
C ASP C 32 17.47 5.77 0.32
N LEU C 33 16.27 5.89 0.91
CA LEU C 33 15.54 7.15 0.85
C LEU C 33 16.32 8.27 1.51
N TYR C 34 16.51 9.36 0.76
CA TYR C 34 17.21 10.55 1.25
C TYR C 34 18.65 10.23 1.64
N ARG C 35 19.24 9.22 1.02
CA ARG C 35 20.67 9.01 1.22
C ARG C 35 21.44 10.09 0.48
N GLY C 36 22.35 10.75 1.18
CA GLY C 36 23.04 11.91 0.67
C GLY C 36 22.92 13.04 1.66
N LEU C 37 21.77 13.12 2.33
CA LEU C 37 21.58 14.10 3.37
C LEU C 37 22.37 13.71 4.63
N PRO C 38 22.80 14.70 5.42
CA PRO C 38 23.46 14.38 6.70
C PRO C 38 22.60 13.48 7.56
N THR C 39 23.25 12.54 8.27
CA THR C 39 22.54 11.62 9.15
C THR C 39 21.61 12.33 10.12
N GLU C 40 21.81 13.63 10.34
CA GLU C 40 20.91 14.41 11.18
C GLU C 40 19.63 14.79 10.43
N GLU C 41 19.79 15.39 9.25
CA GLU C 41 18.64 15.81 8.45
C GLU C 41 17.88 14.64 7.85
N ARG C 42 18.57 13.56 7.49
CA ARG C 42 17.90 12.39 6.93
C ARG C 42 16.83 11.87 7.88
N ILE C 43 17.20 11.63 9.14
CA ILE C 43 16.21 11.08 10.06
C ILE C 43 15.12 12.09 10.36
N GLN C 44 15.41 13.40 10.24
CA GLN C 44 14.38 14.42 10.36
C GLN C 44 13.33 14.25 9.27
N LYS C 45 13.76 14.28 8.00
CA LYS C 45 12.83 14.24 6.89
C LYS C 45 12.02 12.94 6.88
N LEU C 46 12.64 11.83 7.28
CA LEU C 46 11.92 10.55 7.31
C LEU C 46 10.85 10.54 8.39
N GLU C 47 11.17 11.08 9.58
CA GLU C 47 10.14 11.17 10.63
C GLU C 47 8.99 12.05 10.18
N PHE C 48 9.30 13.19 9.55
CA PHE C 48 8.25 14.07 9.06
C PHE C 48 7.32 13.33 8.11
N MET C 49 7.89 12.54 7.19
CA MET C 49 7.07 11.82 6.22
C MET C 49 6.20 10.76 6.89
N LEU C 50 6.75 10.00 7.84
CA LEU C 50 5.97 8.95 8.51
C LEU C 50 4.83 9.56 9.32
N ASP C 51 5.08 10.69 9.98
CA ASP C 51 4.02 11.40 10.67
C ASP C 51 2.93 11.87 9.70
N LYS C 52 3.33 12.54 8.61
CA LYS C 52 2.36 12.99 7.64
C LYS C 52 1.56 11.82 7.06
N LEU C 53 2.24 10.71 6.77
CA LEU C 53 1.55 9.54 6.22
C LEU C 53 0.56 8.96 7.22
N GLN C 54 0.93 8.91 8.51
CA GLN C 54 0.00 8.38 9.49
C GLN C 54 -1.26 9.24 9.59
N ASN C 55 -1.10 10.57 9.65
CA ASN C 55 -2.25 11.46 9.70
C ASN C 55 -3.14 11.25 8.48
N GLU C 56 -2.53 11.07 7.31
CA GLU C 56 -3.33 10.89 6.11
C GLU C 56 -4.05 9.54 6.13
N ILE C 57 -3.37 8.49 6.58
CA ILE C 57 -4.01 7.18 6.72
C ILE C 57 -5.17 7.27 7.71
N ASP C 58 -4.94 7.92 8.85
CA ASP C 58 -5.98 8.09 9.87
C ASP C 58 -7.20 8.77 9.27
N GLN C 59 -7.00 9.89 8.58
CA GLN C 59 -8.10 10.59 7.94
C GLN C 59 -8.86 9.67 7.00
N GLU C 60 -8.14 8.99 6.10
CA GLU C 60 -8.82 8.16 5.11
C GLU C 60 -9.53 6.99 5.80
N LEU C 61 -8.91 6.42 6.83
CA LEU C 61 -9.50 5.29 7.53
C LEU C 61 -10.77 5.69 8.25
N GLU C 62 -10.87 6.94 8.71
CA GLU C 62 -12.10 7.42 9.33
C GLU C 62 -13.20 7.59 8.29
N HIS C 63 -12.88 8.13 7.13
CA HIS C 63 -13.81 8.15 6.00
C HIS C 63 -14.22 6.73 5.60
N ASN C 64 -13.26 5.80 5.56
CA ASN C 64 -13.57 4.42 5.26
C ASN C 64 -14.59 3.84 6.25
N ASN C 65 -14.31 4.00 7.54
CA ASN C 65 -15.20 3.45 8.57
C ASN C 65 -16.59 4.04 8.44
N SER C 66 -16.68 5.35 8.20
CA SER C 66 -17.96 6.01 7.96
C SER C 66 -18.71 5.39 6.76
N LEU C 67 -17.99 5.05 5.69
CA LEU C 67 -18.66 4.40 4.57
C LEU C 67 -19.15 3.00 4.96
N VAL C 68 -18.37 2.28 5.78
CA VAL C 68 -18.79 0.96 6.23
C VAL C 68 -20.09 1.05 7.04
N ARG C 69 -20.12 1.94 8.04
CA ARG C 69 -21.32 2.12 8.86
C ARG C 69 -22.54 2.41 8.00
N GLU C 70 -22.39 3.29 7.01
CA GLU C 70 -23.54 3.72 6.22
C GLU C 70 -24.01 2.64 5.26
N GLU C 71 -23.08 1.83 4.73
CA GLU C 71 -23.46 0.72 3.87
C GLU C 71 -24.24 -0.35 4.65
N LYS C 72 -23.83 -0.63 5.89
CA LYS C 72 -24.56 -1.59 6.72
C LYS C 72 -26.00 -1.14 6.96
N GLU C 73 -26.23 0.17 7.05
CA GLU C 73 -27.51 0.74 7.46
C GLU C 73 -28.39 1.17 6.30
N THR C 74 -27.93 1.04 5.06
CA THR C 74 -28.73 1.44 3.90
C THR C 74 -29.57 0.29 3.40
N THR C 75 -30.84 0.58 3.12
CA THR C 75 -31.74 -0.37 2.48
C THR C 75 -31.86 -0.14 0.98
N ASP C 76 -31.70 1.11 0.55
CA ASP C 76 -31.86 1.51 -0.84
C ASP C 76 -30.73 0.92 -1.69
N THR C 77 -31.11 0.05 -2.64
CA THR C 77 -30.10 -0.70 -3.41
C THR C 77 -29.21 0.23 -4.22
N ARG C 78 -29.77 1.31 -4.78
CA ARG C 78 -28.96 2.27 -5.52
C ARG C 78 -27.89 2.90 -4.64
N LYS C 79 -28.30 3.39 -3.46
CA LYS C 79 -27.34 4.07 -2.58
C LYS C 79 -26.34 3.09 -1.98
N LYS C 80 -26.75 1.84 -1.81
CA LYS C 80 -25.80 0.82 -1.36
C LYS C 80 -24.73 0.59 -2.42
N SER C 81 -25.14 0.51 -3.69
CA SER C 81 -24.19 0.27 -4.77
C SER C 81 -23.19 1.42 -4.91
N LEU C 82 -23.65 2.66 -4.67
CA LEU C 82 -22.75 3.80 -4.70
C LEU C 82 -21.79 3.79 -3.51
N LEU C 83 -22.30 3.43 -2.32
CA LEU C 83 -21.44 3.35 -1.14
C LEU C 83 -20.37 2.28 -1.30
N SER C 84 -20.69 1.18 -1.98
CA SER C 84 -19.72 0.11 -2.14
C SER C 84 -18.58 0.51 -3.07
N ALA C 85 -18.90 1.28 -4.11
CA ALA C 85 -17.86 1.73 -5.02
C ALA C 85 -16.98 2.78 -4.36
N ALA C 86 -17.56 3.64 -3.52
CA ALA C 86 -16.75 4.60 -2.78
C ALA C 86 -15.87 3.90 -1.75
N LEU C 87 -16.40 2.84 -1.11
CA LEU C 87 -15.62 2.09 -0.14
C LEU C 87 -14.48 1.34 -0.83
N ALA C 88 -14.72 0.85 -2.03
CA ALA C 88 -13.67 0.18 -2.80
C ALA C 88 -12.55 1.15 -3.14
N LYS C 89 -12.90 2.38 -3.54
CA LYS C 89 -11.89 3.33 -3.93
C LYS C 89 -11.13 3.83 -2.70
N SER C 90 -11.84 4.02 -1.59
CA SER C 90 -11.16 4.29 -0.31
C SER C 90 -10.17 3.17 0.01
N GLY C 91 -10.57 1.90 -0.22
CA GLY C 91 -9.65 0.80 0.05
C GLY C 91 -8.39 0.86 -0.80
N GLU C 92 -8.54 1.23 -2.08
CA GLU C 92 -7.38 1.32 -2.96
C GLU C 92 -6.45 2.43 -2.50
N ARG C 93 -7.00 3.58 -2.13
CA ARG C 93 -6.15 4.66 -1.61
C ARG C 93 -5.40 4.22 -0.37
N LEU C 94 -6.07 3.47 0.52
CA LEU C 94 -5.41 3.01 1.74
C LEU C 94 -4.27 2.05 1.43
N GLN C 95 -4.42 1.22 0.40
CA GLN C 95 -3.34 0.30 0.02
C GLN C 95 -2.10 1.07 -0.43
N ALA C 96 -2.29 2.07 -1.29
CA ALA C 96 -1.17 2.88 -1.75
C ALA C 96 -0.51 3.61 -0.59
N LEU C 97 -1.32 4.22 0.28
CA LEU C 97 -0.75 4.95 1.42
C LEU C 97 0.02 4.02 2.35
N THR C 98 -0.51 2.82 2.59
CA THR C 98 0.18 1.87 3.45
C THR C 98 1.50 1.43 2.82
N LEU C 99 1.51 1.19 1.50
CA LEU C 99 2.77 0.81 0.89
C LEU C 99 3.76 1.97 0.89
N LEU C 100 3.29 3.21 0.75
CA LEU C 100 4.18 4.36 0.93
C LEU C 100 4.74 4.42 2.35
N MET C 101 3.91 4.13 3.35
CA MET C 101 4.43 4.13 4.71
C MET C 101 5.47 3.05 4.90
N ILE C 102 5.22 1.86 4.36
CA ILE C 102 6.21 0.78 4.41
C ILE C 102 7.51 1.22 3.71
N HIS C 103 7.39 1.95 2.60
CA HIS C 103 8.54 2.49 1.89
C HIS C 103 9.40 3.37 2.80
N TYR C 104 8.79 4.31 3.48
CA TYR C 104 9.54 5.21 4.35
C TYR C 104 10.00 4.54 5.64
N ARG C 105 9.22 3.57 6.15
CA ARG C 105 9.68 2.75 7.28
C ARG C 105 11.01 2.08 6.99
N ALA C 106 11.20 1.60 5.76
CA ALA C 106 12.48 0.99 5.40
C ALA C 106 13.63 1.99 5.50
N GLY C 107 13.39 3.27 5.24
CA GLY C 107 14.42 4.25 5.48
C GLY C 107 14.83 4.31 6.95
N ILE C 108 13.84 4.35 7.84
CA ILE C 108 14.12 4.35 9.27
C ILE C 108 14.89 3.10 9.66
N GLU C 109 14.39 1.93 9.26
CA GLU C 109 15.06 0.68 9.57
C GLU C 109 16.49 0.64 8.99
N ASP C 110 16.74 1.36 7.90
CA ASP C 110 18.11 1.45 7.39
C ASP C 110 19.01 2.20 8.36
N ILE C 111 18.51 3.27 8.96
CA ILE C 111 19.31 4.06 9.89
C ILE C 111 19.68 3.23 11.12
N GLU C 112 18.76 2.37 11.58
CA GLU C 112 18.96 1.69 12.86
C GLU C 112 19.57 0.30 12.73
N THR C 113 19.73 -0.20 11.50
CA THR C 113 20.64 -1.32 11.28
C THR C 113 22.09 -0.84 11.25
N LEU C 114 22.33 0.38 10.76
CA LEU C 114 23.66 0.99 10.75
C LEU C 114 24.10 1.34 12.16
#